data_4LOS
#
_entry.id   4LOS
#
_cell.length_a   66.480
_cell.length_b   69.190
_cell.length_c   76.650
_cell.angle_alpha   90.000
_cell.angle_beta   90.000
_cell.angle_gamma   90.000
#
_symmetry.space_group_name_H-M   'P 21 21 21'
#
loop_
_entity.id
_entity.type
_entity.pdbx_description
1 polymer 'Complement C1s subcomponent heavy chain'
2 non-polymer 'CALCIUM ION'
3 water water
#
_entity_poly.entity_id   1
_entity_poly.type   'polypeptide(L)'
_entity_poly.pdbx_seq_one_letter_code
;GVNCSGDVFTALIGEIASPNYPKPYPENSRCEYQIRLEKGFQVVVTLRREDFDVEAADSAGNCLDSLVFVAGDRQFGPYC
GHGFPGPLNIETKSNALDIIFQTDLTGQKKGWKLRYHGDPMPCPKEDTPNSVWEPAKAKYVFRDVVQITCLDGFEVVEGR
VGATSFYSTCQSNGKWSNSKLKCQPVD
;
_entity_poly.pdbx_strand_id   A
#
# COMPACT_ATOMS: atom_id res chain seq x y z
N GLY A 1 21.99 21.35 -2.53
CA GLY A 1 22.02 20.07 -1.82
C GLY A 1 22.83 19.01 -2.52
N VAL A 2 22.64 17.76 -2.10
CA VAL A 2 23.37 16.62 -2.66
C VAL A 2 22.53 15.84 -3.66
N ASN A 3 23.07 14.75 -4.18
CA ASN A 3 22.27 13.81 -4.97
C ASN A 3 21.51 12.84 -4.05
N CYS A 4 20.22 13.06 -3.93
CA CYS A 4 19.36 12.18 -3.14
C CYS A 4 18.19 11.73 -4.00
N SER A 5 18.48 11.46 -5.27
CA SER A 5 17.46 11.10 -6.25
C SER A 5 17.88 9.84 -7.01
N GLY A 6 16.93 9.19 -7.65
CA GLY A 6 17.23 8.06 -8.52
C GLY A 6 17.06 6.70 -7.88
N ASP A 7 17.00 6.64 -6.55
CA ASP A 7 16.87 5.35 -5.89
C ASP A 7 15.48 4.75 -6.06
N VAL A 8 15.45 3.48 -6.43
CA VAL A 8 14.21 2.73 -6.56
C VAL A 8 14.20 1.58 -5.57
N PHE A 9 13.08 1.40 -4.88
CA PHE A 9 12.94 0.37 -3.87
C PHE A 9 11.86 -0.63 -4.30
N THR A 10 12.24 -1.90 -4.37
CA THR A 10 11.29 -2.92 -4.82
C THR A 10 11.08 -4.06 -3.83
N ALA A 11 11.80 -4.08 -2.70
CA ALA A 11 11.59 -5.16 -1.74
C ALA A 11 10.29 -4.92 -0.97
N LEU A 12 9.75 -5.98 -0.34
CA LEU A 12 8.47 -5.87 0.35
C LEU A 12 8.55 -5.13 1.68
N ILE A 13 9.78 -4.86 2.13
CA ILE A 13 10.03 -4.05 3.32
C ILE A 13 11.21 -3.12 3.01
N GLY A 14 11.20 -1.91 3.56
CA GLY A 14 12.31 -1.03 3.32
C GLY A 14 12.39 0.10 4.30
N GLU A 15 13.46 0.88 4.20
CA GLU A 15 13.66 1.97 5.15
C GLU A 15 14.36 3.10 4.40
N ILE A 16 13.89 4.32 4.58
CA ILE A 16 14.41 5.47 3.86
C ILE A 16 14.57 6.63 4.83
N ALA A 17 15.67 7.36 4.73
CA ALA A 17 15.86 8.53 5.59
C ALA A 17 16.39 9.69 4.76
N SER A 18 16.11 10.91 5.22
CA SER A 18 16.58 12.11 4.55
C SER A 18 18.12 12.16 4.60
N PRO A 19 18.75 12.88 3.67
CA PRO A 19 20.22 12.92 3.62
C PRO A 19 20.83 13.39 4.93
N ASN A 20 21.85 12.66 5.40
CA ASN A 20 22.58 12.93 6.64
C ASN A 20 21.86 12.57 7.94
N TYR A 21 20.64 12.03 7.85
CA TYR A 21 19.86 11.72 9.04
C TYR A 21 20.71 10.90 10.04
N PRO A 22 20.68 11.25 11.33
CA PRO A 22 19.88 12.30 11.99
C PRO A 22 20.56 13.66 12.09
N LYS A 23 21.67 13.85 11.38
CA LYS A 23 22.29 15.17 11.30
C LYS A 23 21.46 16.03 10.35
N PRO A 24 21.56 17.37 10.47
CA PRO A 24 20.70 18.27 9.68
C PRO A 24 20.73 17.98 8.18
N TYR A 25 19.55 18.00 7.56
CA TYR A 25 19.45 17.76 6.11
C TYR A 25 20.03 18.94 5.34
N PRO A 26 20.38 18.72 4.06
CA PRO A 26 21.01 19.81 3.30
C PRO A 26 20.01 20.87 2.87
N GLU A 27 20.45 22.12 2.78
CA GLU A 27 19.60 23.16 2.21
C GLU A 27 19.47 22.92 0.71
N ASN A 28 18.42 23.48 0.10
CA ASN A 28 18.21 23.36 -1.34
C ASN A 28 18.12 21.91 -1.82
N SER A 29 17.58 21.02 -0.98
CA SER A 29 17.43 19.62 -1.38
C SER A 29 16.28 19.43 -2.37
N ARG A 30 16.48 18.54 -3.33
CA ARG A 30 15.40 18.08 -4.19
C ARG A 30 15.51 16.57 -4.27
N CYS A 31 14.99 15.87 -3.26
CA CYS A 31 15.14 14.43 -3.20
C CYS A 31 13.90 13.75 -3.71
N GLU A 32 14.09 12.60 -4.31
CA GLU A 32 12.97 11.77 -4.74
C GLU A 32 13.33 10.30 -4.62
N TYR A 33 12.41 9.52 -4.04
CA TYR A 33 12.60 8.10 -3.80
C TYR A 33 11.37 7.41 -4.37
N GLN A 34 11.59 6.35 -5.14
CA GLN A 34 10.50 5.63 -5.77
C GLN A 34 10.36 4.23 -5.21
N ILE A 35 9.18 3.93 -4.70
CA ILE A 35 8.87 2.57 -4.25
C ILE A 35 8.00 1.94 -5.32
N ARG A 36 8.40 0.77 -5.80
CA ARG A 36 7.71 0.08 -6.87
C ARG A 36 7.47 -1.38 -6.51
N LEU A 37 6.27 -1.71 -6.07
CA LEU A 37 5.93 -3.10 -5.75
C LEU A 37 5.12 -3.66 -6.88
N GLU A 38 5.01 -4.99 -6.94
CA GLU A 38 4.21 -5.60 -7.99
C GLU A 38 2.73 -5.36 -7.73
N LYS A 39 1.94 -5.38 -8.80
CA LYS A 39 0.50 -5.25 -8.68
C LYS A 39 -0.03 -6.30 -7.71
N GLY A 40 -0.97 -5.90 -6.87
CA GLY A 40 -1.55 -6.79 -5.87
C GLY A 40 -1.15 -6.36 -4.46
N PHE A 41 -0.14 -5.50 -4.39
CA PHE A 41 0.29 -4.94 -3.11
C PHE A 41 0.04 -3.45 -3.02
N GLN A 42 -0.20 -2.94 -1.81
CA GLN A 42 -0.16 -1.50 -1.59
C GLN A 42 1.06 -1.18 -0.73
N VAL A 43 1.67 -0.02 -0.96
CA VAL A 43 2.74 0.46 -0.10
C VAL A 43 2.09 1.04 1.16
N VAL A 44 2.58 0.63 2.33
CA VAL A 44 2.14 1.21 3.59
C VAL A 44 3.37 1.87 4.21
N VAL A 45 3.24 3.15 4.56
CA VAL A 45 4.36 3.90 5.12
C VAL A 45 4.18 4.04 6.62
N THR A 46 5.25 3.76 7.37
CA THR A 46 5.23 3.90 8.82
C THR A 46 6.28 4.90 9.24
N LEU A 47 5.86 5.96 9.93
CA LEU A 47 6.78 7.01 10.32
C LEU A 47 6.44 7.41 11.75
N ARG A 48 7.27 7.00 12.71
CA ARG A 48 7.13 7.38 14.11
C ARG A 48 7.14 8.91 14.26
N ARG A 49 6.27 9.42 15.12
CA ARG A 49 6.12 10.85 15.30
C ARG A 49 7.47 11.53 15.59
N GLU A 50 8.24 10.91 16.47
CA GLU A 50 9.48 11.54 16.94
C GLU A 50 10.64 11.37 15.97
N ASP A 51 10.43 10.64 14.87
CA ASP A 51 11.46 10.49 13.85
C ASP A 51 11.30 11.49 12.71
N PHE A 52 10.70 12.64 12.99
CA PHE A 52 10.45 13.64 11.95
C PHE A 52 10.60 15.04 12.54
N ASP A 53 11.53 15.82 12.01
CA ASP A 53 11.68 17.22 12.41
C ASP A 53 12.09 17.97 11.16
N VAL A 54 11.20 18.82 10.66
CA VAL A 54 11.44 19.57 9.44
C VAL A 54 11.03 21.01 9.72
N GLU A 55 11.70 21.99 9.11
CA GLU A 55 11.39 23.41 9.34
C GLU A 55 9.88 23.65 9.42
N ALA A 56 9.46 24.44 10.39
CA ALA A 56 8.03 24.68 10.61
C ALA A 56 7.41 25.46 9.45
N ALA A 57 6.11 25.25 9.25
CA ALA A 57 5.36 26.01 8.25
C ALA A 57 5.43 27.50 8.55
N ASP A 58 5.33 28.33 7.51
CA ASP A 58 5.27 29.77 7.68
C ASP A 58 3.94 30.19 8.30
N SER A 59 3.73 31.50 8.43
CA SER A 59 2.50 32.04 9.00
C SER A 59 1.26 31.62 8.23
N ALA A 60 1.36 31.54 6.92
CA ALA A 60 0.23 31.18 6.07
C ALA A 60 0.00 29.66 5.98
N GLY A 61 0.68 28.91 6.85
CA GLY A 61 0.51 27.47 6.90
C GLY A 61 1.20 26.71 5.79
N ASN A 62 1.94 27.43 4.94
CA ASN A 62 2.65 26.80 3.83
C ASN A 62 3.99 26.19 4.25
N CYS A 63 4.30 25.01 3.73
CA CYS A 63 5.56 24.35 4.06
C CYS A 63 6.68 24.90 3.18
N LEU A 64 7.74 25.43 3.80
CA LEU A 64 8.92 25.86 3.02
C LEU A 64 9.82 24.67 2.67
N ASP A 65 10.09 23.83 3.66
CA ASP A 65 10.65 22.50 3.42
C ASP A 65 9.47 21.54 3.55
N SER A 66 9.43 20.50 2.73
CA SER A 66 8.30 19.58 2.82
C SER A 66 8.60 18.14 2.41
N LEU A 67 7.82 17.22 2.97
CA LEU A 67 7.83 15.82 2.59
C LEU A 67 6.45 15.52 2.06
N VAL A 68 6.38 14.89 0.89
CA VAL A 68 5.12 14.59 0.21
C VAL A 68 5.20 13.16 -0.31
N PHE A 69 4.10 12.41 -0.20
CA PHE A 69 4.03 11.08 -0.81
C PHE A 69 3.02 11.15 -1.94
N VAL A 70 3.42 10.74 -3.14
CA VAL A 70 2.50 10.75 -4.27
C VAL A 70 2.14 9.33 -4.71
N ALA A 71 0.85 9.01 -4.66
CA ALA A 71 0.39 7.69 -5.06
C ALA A 71 -0.68 7.83 -6.13
N GLY A 72 -0.25 7.92 -7.38
CA GLY A 72 -1.19 8.05 -8.48
C GLY A 72 -1.87 9.41 -8.46
N ASP A 73 -3.18 9.40 -8.26
CA ASP A 73 -3.96 10.63 -8.15
C ASP A 73 -3.87 11.21 -6.74
N ARG A 74 -3.66 10.35 -5.76
CA ARG A 74 -3.67 10.75 -4.35
CA ARG A 74 -3.67 10.74 -4.35
C ARG A 74 -2.32 11.30 -3.89
N GLN A 75 -2.39 12.28 -2.99
CA GLN A 75 -1.21 12.88 -2.42
C GLN A 75 -1.35 12.89 -0.90
N PHE A 76 -0.26 12.58 -0.21
CA PHE A 76 -0.21 12.64 1.25
C PHE A 76 0.78 13.73 1.62
N GLY A 77 0.37 14.64 2.49
CA GLY A 77 1.20 15.80 2.74
C GLY A 77 0.77 16.97 1.87
N PRO A 78 1.59 18.02 1.80
CA PRO A 78 2.96 18.15 2.33
C PRO A 78 3.02 18.15 3.85
N TYR A 79 4.06 17.53 4.38
CA TYR A 79 4.28 17.52 5.82
C TYR A 79 5.51 18.35 6.20
N CYS A 80 5.43 19.10 7.28
CA CYS A 80 6.59 19.78 7.84
C CYS A 80 6.38 19.96 9.32
N GLY A 81 7.34 20.58 10.01
CA GLY A 81 7.19 20.89 11.42
C GLY A 81 7.90 19.90 12.33
N HIS A 82 7.74 20.12 13.62
CA HIS A 82 8.40 19.34 14.67
C HIS A 82 7.50 18.19 15.09
N GLY A 83 7.87 16.98 14.67
CA GLY A 83 7.06 15.80 14.90
C GLY A 83 6.17 15.52 13.70
N PHE A 84 6.10 14.26 13.28
CA PHE A 84 5.30 13.94 12.10
C PHE A 84 3.82 14.18 12.36
N PRO A 85 3.21 15.04 11.53
CA PRO A 85 1.81 15.44 11.72
C PRO A 85 0.82 14.43 11.16
N GLY A 86 1.27 13.48 10.36
CA GLY A 86 0.36 12.51 9.77
C GLY A 86 0.19 11.26 10.61
N PRO A 87 -0.64 10.32 10.15
CA PRO A 87 -0.88 9.05 10.86
C PRO A 87 0.40 8.21 10.96
N LEU A 88 0.50 7.37 11.98
CA LEU A 88 1.68 6.50 12.16
C LEU A 88 1.77 5.50 11.02
N ASN A 89 0.62 5.05 10.54
CA ASN A 89 0.55 4.12 9.42
C ASN A 89 -0.31 4.68 8.30
N ILE A 90 0.30 4.85 7.13
CA ILE A 90 -0.41 5.38 5.99
C ILE A 90 -0.58 4.35 4.88
N GLU A 91 -1.81 3.88 4.66
CA GLU A 91 -2.08 2.94 3.56
C GLU A 91 -2.31 3.73 2.27
N THR A 92 -1.38 3.64 1.33
CA THR A 92 -1.42 4.51 0.17
C THR A 92 -2.36 4.00 -0.92
N LYS A 93 -2.76 2.73 -0.81
CA LYS A 93 -3.67 2.07 -1.76
C LYS A 93 -3.10 1.92 -3.17
N SER A 94 -1.78 1.91 -3.29
CA SER A 94 -1.13 1.89 -4.60
C SER A 94 0.12 1.03 -4.51
N ASN A 95 0.46 0.32 -5.58
CA ASN A 95 1.72 -0.43 -5.58
C ASN A 95 2.93 0.45 -5.85
N ALA A 96 2.69 1.69 -6.25
CA ALA A 96 3.77 2.63 -6.61
C ALA A 96 3.65 3.89 -5.75
N LEU A 97 4.76 4.33 -5.21
CA LEU A 97 4.74 5.55 -4.39
C LEU A 97 5.98 6.38 -4.68
N ASP A 98 5.79 7.68 -4.89
CA ASP A 98 6.92 8.59 -5.00
C ASP A 98 7.01 9.37 -3.70
N ILE A 99 8.19 9.39 -3.09
CA ILE A 99 8.43 10.20 -1.89
C ILE A 99 9.33 11.37 -2.28
N ILE A 100 8.84 12.58 -2.07
CA ILE A 100 9.51 13.78 -2.54
C ILE A 100 9.81 14.70 -1.36
N PHE A 101 11.08 15.05 -1.20
CA PHE A 101 11.52 15.89 -0.09
C PHE A 101 12.26 17.10 -0.64
N GLN A 102 11.73 18.31 -0.38
CA GLN A 102 12.35 19.54 -0.90
C GLN A 102 12.64 20.49 0.24
N THR A 103 13.78 21.18 0.18
CA THR A 103 14.13 22.17 1.20
C THR A 103 14.57 23.47 0.56
N ASP A 104 14.43 24.58 1.29
CA ASP A 104 14.84 25.86 0.75
C ASP A 104 16.25 26.21 1.22
N LEU A 105 16.57 27.50 1.21
CA LEU A 105 17.97 27.93 1.41
C LEU A 105 18.44 27.97 2.86
N THR A 106 17.52 28.13 3.80
CA THR A 106 17.89 28.29 5.22
C THR A 106 16.95 27.49 6.10
N GLY A 107 17.39 27.22 7.32
CA GLY A 107 16.56 26.51 8.27
C GLY A 107 16.56 25.03 7.95
N GLN A 108 17.44 24.29 8.61
CA GLN A 108 17.49 22.85 8.43
C GLN A 108 17.34 22.19 9.80
N LYS A 109 16.69 21.03 9.82
CA LYS A 109 16.49 20.26 11.04
C LYS A 109 16.99 18.84 10.81
N LYS A 110 16.76 17.93 11.78
CA LYS A 110 17.33 16.59 11.68
C LYS A 110 16.75 15.79 10.52
N GLY A 111 15.54 16.13 10.10
CA GLY A 111 14.94 15.43 8.98
C GLY A 111 14.03 14.28 9.39
N TRP A 112 14.06 13.20 8.63
CA TRP A 112 13.11 12.12 8.85
C TRP A 112 13.67 10.76 8.48
N LYS A 113 13.06 9.74 9.08
CA LYS A 113 13.34 8.35 8.80
C LYS A 113 12.00 7.62 8.78
N LEU A 114 11.76 6.85 7.72
CA LEU A 114 10.51 6.15 7.59
C LEU A 114 10.79 4.72 7.21
N ARG A 115 9.80 3.85 7.42
CA ARG A 115 9.89 2.49 6.90
C ARG A 115 8.66 2.26 6.04
N TYR A 116 8.72 1.28 5.15
CA TYR A 116 7.53 0.92 4.40
C TYR A 116 7.43 -0.59 4.35
N HIS A 117 6.22 -1.08 4.08
CA HIS A 117 6.06 -2.49 3.73
C HIS A 117 4.95 -2.64 2.70
N GLY A 118 5.03 -3.73 1.92
CA GLY A 118 3.98 -4.05 0.99
C GLY A 118 2.89 -4.83 1.71
N ASP A 119 1.65 -4.40 1.56
CA ASP A 119 0.52 -5.07 2.18
C ASP A 119 -0.33 -5.68 1.05
N PRO A 120 -0.55 -7.00 1.06
CA PRO A 120 -1.31 -7.62 -0.03
C PRO A 120 -2.76 -7.16 -0.03
N MET A 121 -3.29 -6.77 -1.19
CA MET A 121 -4.62 -6.16 -1.22
C MET A 121 -5.71 -7.23 -1.16
N PRO A 122 -6.85 -6.89 -0.54
CA PRO A 122 -7.91 -7.89 -0.29
C PRO A 122 -8.78 -8.23 -1.50
N CYS A 123 -9.31 -9.45 -1.51
CA CYS A 123 -10.45 -9.78 -2.35
C CYS A 123 -11.65 -10.05 -1.44
N PRO A 124 -12.72 -9.29 -1.61
CA PRO A 124 -13.93 -9.43 -0.77
C PRO A 124 -14.59 -10.80 -0.88
N LYS A 125 -14.94 -11.40 0.25
CA LYS A 125 -15.65 -12.69 0.22
C LYS A 125 -17.08 -12.50 -0.27
N GLU A 126 -17.44 -13.28 -1.29
CA GLU A 126 -18.80 -13.30 -1.80
C GLU A 126 -19.70 -13.92 -0.75
N ASP A 127 -21.00 -13.67 -0.84
CA ASP A 127 -21.92 -14.44 0.00
C ASP A 127 -21.91 -15.86 -0.54
N THR A 128 -21.61 -16.81 0.35
CA THR A 128 -21.54 -18.21 -0.04
C THR A 128 -22.92 -18.81 -0.03
N PRO A 129 -23.57 -18.83 -1.21
CA PRO A 129 -25.00 -19.14 -1.28
C PRO A 129 -25.23 -20.57 -0.83
N ASN A 130 -24.85 -21.50 -1.71
CA ASN A 130 -25.04 -22.91 -1.44
C ASN A 130 -23.70 -23.63 -1.52
N SER A 131 -22.71 -23.03 -0.87
CA SER A 131 -21.36 -23.55 -0.86
C SER A 131 -20.71 -23.23 0.47
N VAL A 132 -19.58 -23.91 0.78
CA VAL A 132 -18.75 -23.51 1.91
C VAL A 132 -17.32 -23.28 1.43
N TRP A 133 -16.64 -22.32 2.04
CA TRP A 133 -15.31 -21.95 1.63
C TRP A 133 -14.25 -22.59 2.53
N GLU A 134 -13.12 -22.95 1.95
CA GLU A 134 -12.02 -23.56 2.68
C GLU A 134 -10.71 -22.92 2.23
N PRO A 135 -9.99 -22.24 3.14
CA PRO A 135 -10.27 -21.99 4.56
C PRO A 135 -11.21 -20.82 4.72
N ALA A 136 -11.89 -20.78 5.86
CA ALA A 136 -12.77 -19.67 6.18
C ALA A 136 -11.90 -18.63 6.89
N LYS A 137 -11.90 -17.41 6.37
CA LYS A 137 -11.05 -16.35 6.91
C LYS A 137 -11.85 -15.05 6.93
N ALA A 138 -11.48 -14.14 7.83
CA ALA A 138 -12.11 -12.83 7.91
C ALA A 138 -11.67 -11.93 6.75
N LYS A 139 -10.46 -12.18 6.24
CA LYS A 139 -9.90 -11.38 5.16
C LYS A 139 -9.08 -12.25 4.20
N TYR A 140 -9.36 -12.14 2.91
CA TYR A 140 -8.58 -12.84 1.88
C TYR A 140 -7.76 -11.81 1.12
N VAL A 141 -6.53 -12.16 0.77
CA VAL A 141 -5.65 -11.21 0.12
C VAL A 141 -4.96 -11.83 -1.09
N PHE A 142 -4.33 -10.97 -1.87
CA PHE A 142 -3.60 -11.34 -3.08
C PHE A 142 -2.85 -12.66 -2.96
N ARG A 143 -3.21 -13.59 -3.84
CA ARG A 143 -2.60 -14.93 -4.00
C ARG A 143 -3.21 -16.03 -3.12
N ASP A 144 -4.08 -15.67 -2.18
CA ASP A 144 -4.84 -16.67 -1.43
C ASP A 144 -5.66 -17.52 -2.38
N VAL A 145 -5.71 -18.83 -2.11
CA VAL A 145 -6.50 -19.76 -2.88
C VAL A 145 -7.54 -20.34 -1.94
N VAL A 146 -8.78 -20.43 -2.39
CA VAL A 146 -9.79 -21.09 -1.57
C VAL A 146 -10.38 -22.25 -2.37
N GLN A 147 -10.86 -23.27 -1.68
CA GLN A 147 -11.65 -24.30 -2.33
C GLN A 147 -13.11 -24.02 -1.95
N ILE A 148 -13.97 -23.98 -2.96
CA ILE A 148 -15.38 -23.71 -2.72
C ILE A 148 -16.15 -24.98 -3.01
N THR A 149 -16.82 -25.52 -2.01
CA THR A 149 -17.48 -26.81 -2.17
C THR A 149 -18.98 -26.61 -2.12
N CYS A 150 -19.69 -27.17 -3.10
CA CYS A 150 -21.13 -27.04 -3.15
C CYS A 150 -21.77 -27.90 -2.08
N LEU A 151 -22.83 -27.40 -1.45
CA LEU A 151 -23.63 -28.21 -0.54
C LEU A 151 -24.24 -29.38 -1.30
N ASP A 152 -24.62 -30.43 -0.59
CA ASP A 152 -25.31 -31.56 -1.20
C ASP A 152 -26.52 -31.05 -1.97
N GLY A 153 -26.76 -31.60 -3.15
CA GLY A 153 -27.89 -31.18 -3.97
C GLY A 153 -27.59 -29.99 -4.86
N PHE A 154 -26.33 -29.55 -4.87
CA PHE A 154 -25.92 -28.46 -5.74
C PHE A 154 -24.70 -28.84 -6.55
N GLU A 155 -24.48 -28.12 -7.65
CA GLU A 155 -23.34 -28.39 -8.51
C GLU A 155 -22.88 -27.12 -9.23
N VAL A 156 -21.70 -27.20 -9.83
CA VAL A 156 -21.12 -26.07 -10.53
C VAL A 156 -21.45 -26.12 -12.01
N VAL A 157 -21.87 -24.98 -12.55
CA VAL A 157 -22.15 -24.85 -13.96
C VAL A 157 -21.12 -23.90 -14.57
N GLU A 158 -20.76 -24.14 -15.83
CA GLU A 158 -19.72 -23.40 -16.57
C GLU A 158 -18.28 -23.81 -16.23
N GLY A 159 -18.08 -24.46 -15.09
CA GLY A 159 -16.82 -25.12 -14.82
C GLY A 159 -16.86 -26.44 -15.58
N ARG A 160 -16.19 -27.46 -15.06
CA ARG A 160 -16.32 -28.79 -15.62
C ARG A 160 -17.79 -29.20 -15.53
N VAL A 161 -18.21 -30.10 -16.42
CA VAL A 161 -19.54 -30.68 -16.29
C VAL A 161 -19.54 -31.67 -15.12
N GLY A 162 -20.45 -31.46 -14.16
CA GLY A 162 -20.57 -32.35 -13.02
C GLY A 162 -19.54 -32.12 -11.93
N ALA A 163 -19.21 -30.87 -11.67
CA ALA A 163 -18.31 -30.54 -10.55
C ALA A 163 -19.13 -30.16 -9.32
N THR A 164 -18.64 -30.52 -8.14
CA THR A 164 -19.34 -30.20 -6.90
C THR A 164 -18.43 -29.38 -6.00
N SER A 165 -17.27 -28.99 -6.55
CA SER A 165 -16.30 -28.18 -5.83
C SER A 165 -15.37 -27.57 -6.87
N PHE A 166 -14.76 -26.43 -6.56
CA PHE A 166 -13.78 -25.82 -7.46
C PHE A 166 -12.84 -24.93 -6.65
N TYR A 167 -11.78 -24.42 -7.28
CA TYR A 167 -10.87 -23.50 -6.60
C TYR A 167 -10.97 -22.10 -7.17
N SER A 168 -10.54 -21.13 -6.37
CA SER A 168 -10.58 -19.74 -6.81
C SER A 168 -9.43 -19.00 -6.15
N THR A 169 -8.82 -18.09 -6.90
CA THR A 169 -7.64 -17.39 -6.42
C THR A 169 -7.89 -15.89 -6.36
N CYS A 170 -7.47 -15.27 -5.25
CA CYS A 170 -7.54 -13.82 -5.12
C CYS A 170 -6.47 -13.16 -6.02
N GLN A 171 -6.92 -12.41 -7.03
CA GLN A 171 -6.01 -11.91 -8.05
C GLN A 171 -5.48 -10.50 -7.72
N SER A 172 -4.53 -10.02 -8.50
CA SER A 172 -3.88 -8.72 -8.24
C SER A 172 -4.83 -7.57 -8.41
N ASN A 173 -5.98 -7.82 -9.04
CA ASN A 173 -6.95 -6.75 -9.28
C ASN A 173 -8.05 -6.73 -8.24
N GLY A 174 -7.90 -7.51 -7.17
CA GLY A 174 -8.88 -7.52 -6.10
C GLY A 174 -10.10 -8.40 -6.37
N LYS A 175 -10.05 -9.18 -7.45
CA LYS A 175 -11.18 -10.03 -7.80
C LYS A 175 -10.81 -11.52 -7.80
N TRP A 176 -11.78 -12.36 -7.53
CA TRP A 176 -11.55 -13.80 -7.54
C TRP A 176 -11.54 -14.31 -8.98
N SER A 177 -10.62 -15.23 -9.27
CA SER A 177 -10.66 -15.96 -10.52
C SER A 177 -11.86 -16.89 -10.39
N ASN A 178 -12.44 -17.35 -11.49
CA ASN A 178 -13.62 -18.22 -11.39
C ASN A 178 -14.79 -17.63 -10.59
N SER A 179 -14.97 -16.30 -10.67
CA SER A 179 -16.06 -15.64 -9.96
CA SER A 179 -16.06 -15.63 -9.97
C SER A 179 -17.39 -15.85 -10.70
N LYS A 180 -17.30 -16.39 -11.92
CA LYS A 180 -18.46 -16.74 -12.71
C LYS A 180 -19.09 -18.03 -12.20
N LEU A 181 -18.26 -18.92 -11.65
CA LEU A 181 -18.69 -20.23 -11.20
C LEU A 181 -19.58 -20.15 -9.96
N LYS A 182 -20.77 -20.73 -10.03
CA LYS A 182 -21.70 -20.69 -8.91
C LYS A 182 -22.27 -22.06 -8.62
N CYS A 183 -22.58 -22.31 -7.36
CA CYS A 183 -23.23 -23.56 -6.97
C CYS A 183 -24.74 -23.42 -7.10
N GLN A 184 -25.33 -24.31 -7.90
CA GLN A 184 -26.76 -24.25 -8.18
C GLN A 184 -27.39 -25.61 -8.06
N PRO A 185 -28.70 -25.67 -7.76
CA PRO A 185 -29.38 -26.95 -7.54
C PRO A 185 -29.27 -27.92 -8.71
N VAL A 186 -29.16 -29.20 -8.39
CA VAL A 186 -29.07 -30.27 -9.38
C VAL A 186 -30.38 -30.39 -10.16
N ASP A 187 -30.29 -30.63 -11.46
CA ASP A 187 -31.49 -30.80 -12.29
C ASP A 187 -32.08 -32.20 -12.14
#